data_8PE9
#
_entry.id   8PE9
#
_cell.length_a   117.096
_cell.length_b   144.45
_cell.length_c   52.299
_cell.angle_alpha   90
_cell.angle_beta   90
_cell.angle_gamma   90
#
_symmetry.space_group_name_H-M   'P 21 21 2'
#
loop_
_entity.id
_entity.type
_entity.pdbx_description
1 polymer 'Epithelial discoidin domain-containing receptor 1'
2 polymer 'PRTH-101 Fab, heavy chain'
3 polymer 'PRTH-101 Fab, light chain'
4 branched 2-acetamido-2-deoxy-beta-D-glucopyranose-(1-4)-[alpha-L-fucopyranose-(1-6)]2-acetamido-2-deoxy-beta-D-glucopyranose
5 non-polymer 'CALCIUM ION'
6 non-polymer 2-acetamido-2-deoxy-beta-D-glucopyranose
7 non-polymer 'ZINC ION'
8 non-polymer 'SODIUM ION'
#
loop_
_entity_poly.entity_id
_entity_poly.type
_entity_poly.pdbx_seq_one_letter_code
_entity_poly.pdbx_strand_id
1 'polypeptide(L)'
;RDGLLSYTAPVGQTMYLSEAVYLNDSTYDGHTVGGLQYGGLGQLADGVVGLDDFRKSQELRVWPGYDYVGWSNHSFSSGY
VEMEFEFDRLRAFQAMQVHCNNMHTLGARLPGGVECRFRRGPAMAWEGEPMRHNLGGNLGDPRARAVSVPLGGRVARFLQ
CRFLFAGPWLLFSEISFISDVVN
;
A
2 'polypeptide(L)'
;QVQLVESGGRVVQPGRSLRLSCTASGFSLNRYYMLWVRQAPGKGLEWIGTISYGDTTYYASWAKGRFTISRDNSKNTLYL
QMNSLRAEDTAVYYCARADTGDNGYLGLQLWGQGTLVTVSSASTKGPSVFPLAPSSKSTSGGTAALGCLVKDYFPEPVTV
SWNSGALTSGVHTFPAVLQSSGLYSLSSVVTVPSSSLGTQTYICNVNHKPSNTKVDKRVEPK
;
H
3 'polypeptide(L)'
;IQMTQSPSSVSASVGDRVTITCQASQSIGSVLAWYQQKPGKAPKLLISGVFDLASGVPSRFSGSGSGTDFTLTISSLQPE
DFATYYCQYIPYGSSPFGGGTKVEIKRTVAAPSVFIFPPSDEQLKSGTASVVCLLNNFYPREAKVQWKVDNALQSGNSQE
SVTEQDSKDSTYSLSSTLTLSKADYEKHKVYACEVTHQGLSSPVTKSFNRGE
;
L
#
# COMPACT_ATOMS: atom_id res chain seq x y z
N ARG A 1 40.65 -24.96 13.47
CA ARG A 1 39.68 -24.00 12.94
C ARG A 1 38.36 -24.65 12.52
N ASP A 2 37.30 -23.84 12.36
CA ASP A 2 35.99 -24.33 11.94
C ASP A 2 36.02 -24.65 10.44
N GLY A 3 35.81 -25.92 10.11
CA GLY A 3 35.82 -26.37 8.72
C GLY A 3 34.50 -26.16 8.03
N LEU A 4 34.07 -24.89 7.94
CA LEU A 4 32.81 -24.48 7.33
C LEU A 4 33.08 -23.76 6.00
N LEU A 5 32.18 -23.92 5.00
CA LEU A 5 32.36 -23.26 3.71
C LEU A 5 31.60 -21.94 3.64
N SER A 6 30.29 -21.96 3.93
CA SER A 6 29.45 -20.77 3.84
C SER A 6 28.23 -20.87 4.77
N TYR A 7 27.60 -19.73 5.08
CA TYR A 7 26.41 -19.74 5.93
C TYR A 7 25.36 -18.73 5.48
N THR A 8 24.09 -19.10 5.63
CA THR A 8 22.97 -18.25 5.24
C THR A 8 22.31 -17.68 6.50
N ALA A 9 22.17 -16.36 6.58
CA ALA A 9 21.57 -15.70 7.74
C ALA A 9 20.94 -14.38 7.34
N PRO A 10 19.82 -13.98 7.96
CA PRO A 10 19.21 -12.69 7.63
C PRO A 10 20.13 -11.50 7.91
N VAL A 11 19.92 -10.39 7.18
CA VAL A 11 20.75 -9.19 7.30
C VAL A 11 20.65 -8.56 8.69
N GLY A 12 21.79 -8.17 9.25
CA GLY A 12 21.88 -7.57 10.56
C GLY A 12 21.20 -6.21 10.67
N GLN A 13 20.19 -6.13 11.54
CA GLN A 13 19.42 -4.91 11.76
C GLN A 13 20.13 -3.94 12.72
N THR A 14 19.63 -2.70 12.81
CA THR A 14 20.25 -1.66 13.64
C THR A 14 19.41 -1.25 14.86
N MET A 15 20.01 -1.30 16.06
CA MET A 15 19.32 -0.87 17.27
C MET A 15 19.53 0.64 17.41
N TYR A 16 18.45 1.43 17.36
CA TYR A 16 18.57 2.89 17.45
C TYR A 16 18.43 3.37 18.89
N LEU A 17 19.43 3.08 19.73
CA LEU A 17 19.38 3.48 21.13
C LEU A 17 20.49 4.47 21.49
N SER A 18 20.09 5.70 21.86
CA SER A 18 20.92 6.84 22.27
C SER A 18 21.85 7.40 21.15
N GLU A 19 22.82 6.62 20.68
CA GLU A 19 23.74 7.02 19.61
C GLU A 19 23.55 6.18 18.31
N ALA A 20 22.70 5.12 18.36
CA ALA A 20 22.33 4.17 17.29
C ALA A 20 23.46 3.26 16.81
N VAL A 21 23.68 2.15 17.51
CA VAL A 21 24.71 1.15 17.19
C VAL A 21 24.34 0.28 15.96
N TYR A 22 25.26 0.13 15.02
CA TYR A 22 25.02 -0.66 13.81
C TYR A 22 25.49 -2.10 14.03
N LEU A 23 24.58 -3.06 13.92
CA LEU A 23 24.90 -4.46 14.15
C LEU A 23 24.91 -5.25 12.84
N ASN A 24 25.69 -4.78 11.85
CA ASN A 24 25.75 -5.43 10.55
C ASN A 24 27.01 -6.26 10.35
N ASP A 25 26.92 -7.27 9.47
CA ASP A 25 28.04 -8.13 9.13
C ASP A 25 28.90 -7.40 8.10
N SER A 26 29.82 -6.55 8.56
CA SER A 26 30.69 -5.75 7.70
C SER A 26 31.71 -6.56 6.91
N THR A 27 32.16 -7.68 7.47
CA THR A 27 33.17 -8.51 6.81
C THR A 27 32.59 -9.65 5.96
N TYR A 28 31.31 -9.59 5.60
CA TYR A 28 30.69 -10.65 4.80
C TYR A 28 31.10 -10.54 3.35
N ASP A 29 31.91 -11.49 2.88
CA ASP A 29 32.39 -11.49 1.49
C ASP A 29 31.34 -11.94 0.48
N GLY A 30 30.35 -12.71 0.92
CA GLY A 30 29.30 -13.21 0.05
C GLY A 30 28.30 -12.16 -0.38
N HIS A 31 27.41 -12.53 -1.31
CA HIS A 31 26.41 -11.58 -1.81
C HIS A 31 25.12 -11.61 -1.00
N THR A 32 24.58 -10.42 -0.70
CA THR A 32 23.35 -10.28 0.07
C THR A 32 22.19 -9.87 -0.85
N VAL A 33 21.33 -10.82 -1.21
CA VAL A 33 20.19 -10.54 -2.09
C VAL A 33 18.87 -10.68 -1.34
N GLY A 34 18.10 -9.59 -1.30
CA GLY A 34 16.82 -9.59 -0.59
C GLY A 34 17.01 -9.40 0.90
N GLY A 35 16.49 -10.35 1.67
CA GLY A 35 16.64 -10.31 3.12
C GLY A 35 17.49 -11.46 3.64
N LEU A 36 18.48 -11.88 2.84
CA LEU A 36 19.34 -13.01 3.22
C LEU A 36 20.77 -12.82 2.77
N GLN A 37 21.73 -13.11 3.66
CA GLN A 37 23.14 -13.02 3.33
C GLN A 37 23.57 -14.46 3.08
N TYR A 38 23.43 -14.94 1.84
CA TYR A 38 23.75 -16.32 1.52
C TYR A 38 25.00 -16.47 0.66
N GLY A 39 25.70 -17.58 0.86
CA GLY A 39 26.90 -17.91 0.11
C GLY A 39 28.12 -17.07 0.43
N GLY A 40 28.58 -17.15 1.67
CA GLY A 40 29.77 -16.42 2.10
C GLY A 40 30.14 -16.65 3.55
N LEU A 41 31.15 -15.91 4.03
CA LEU A 41 31.65 -15.98 5.39
C LEU A 41 31.89 -14.56 5.90
N GLY A 42 31.57 -14.31 7.17
CA GLY A 42 31.76 -12.99 7.76
C GLY A 42 32.20 -12.99 9.21
N GLN A 43 31.54 -12.17 10.04
CA GLN A 43 31.83 -12.01 11.47
C GLN A 43 31.51 -13.24 12.31
N LEU A 44 30.64 -14.14 11.82
CA LEU A 44 30.31 -15.35 12.57
C LEU A 44 31.30 -16.51 12.38
N ALA A 45 32.38 -16.29 11.62
CA ALA A 45 33.41 -17.30 11.39
C ALA A 45 34.79 -16.64 11.20
N ASP A 46 35.04 -15.52 11.89
CA ASP A 46 36.32 -14.80 11.77
C ASP A 46 37.32 -15.05 12.90
N GLY A 47 36.93 -15.83 13.91
CA GLY A 47 37.78 -16.13 15.05
C GLY A 47 37.63 -15.14 16.19
N VAL A 48 37.22 -13.91 15.87
CA VAL A 48 37.03 -12.85 16.85
C VAL A 48 35.75 -13.07 17.66
N VAL A 49 35.89 -13.15 18.98
CA VAL A 49 34.73 -13.34 19.86
C VAL A 49 34.31 -11.97 20.40
N GLY A 50 33.00 -11.71 20.38
CA GLY A 50 32.45 -10.45 20.84
C GLY A 50 32.68 -10.18 22.31
N LEU A 51 32.78 -8.90 22.67
CA LEU A 51 33.02 -8.48 24.04
C LEU A 51 31.73 -8.50 24.90
N ASP A 52 31.85 -8.33 26.23
CA ASP A 52 30.70 -8.32 27.13
C ASP A 52 29.71 -7.21 26.76
N ASP A 53 30.23 -6.05 26.34
CA ASP A 53 29.39 -4.93 25.91
C ASP A 53 29.50 -4.83 24.39
N PHE A 54 28.35 -4.76 23.69
CA PHE A 54 28.34 -4.69 22.23
C PHE A 54 28.76 -3.33 21.68
N ARG A 55 28.64 -2.26 22.47
CA ARG A 55 29.01 -0.91 22.04
C ARG A 55 30.52 -0.76 21.86
N LYS A 56 31.32 -1.48 22.66
CA LYS A 56 32.78 -1.42 22.56
C LYS A 56 33.34 -2.72 21.99
N ARG A 61 39.49 1.71 15.93
CA ARG A 61 38.40 2.68 15.94
C ARG A 61 37.29 2.28 14.98
N VAL A 62 36.25 1.63 15.50
CA VAL A 62 35.10 1.18 14.71
C VAL A 62 33.76 1.65 15.32
N TRP A 63 32.68 1.60 14.53
CA TRP A 63 31.35 2.00 15.00
C TRP A 63 30.86 1.06 16.09
N PRO A 64 30.01 1.54 17.02
CA PRO A 64 29.51 0.65 18.08
C PRO A 64 28.67 -0.48 17.49
N GLY A 65 29.01 -1.71 17.85
CA GLY A 65 28.33 -2.89 17.33
C GLY A 65 29.04 -3.50 16.13
N TYR A 66 30.37 -3.35 16.05
CA TYR A 66 31.13 -3.89 14.94
C TYR A 66 31.38 -5.39 15.08
N ASP A 67 31.69 -5.86 16.30
CA ASP A 67 31.97 -7.27 16.53
C ASP A 67 30.72 -8.12 16.79
N TYR A 68 29.54 -7.65 16.37
CA TYR A 68 28.29 -8.37 16.59
C TYR A 68 27.34 -8.28 15.39
N VAL A 69 26.44 -9.26 15.27
CA VAL A 69 25.39 -9.30 14.23
C VAL A 69 24.07 -9.48 14.97
N GLY A 70 23.12 -8.57 14.74
CA GLY A 70 21.86 -8.60 15.48
C GLY A 70 20.57 -8.79 14.69
N TRP A 71 19.49 -9.07 15.44
CA TRP A 71 18.14 -9.27 14.90
C TRP A 71 17.12 -8.97 16.00
N SER A 72 16.06 -8.23 15.68
CA SER A 72 15.03 -7.88 16.67
C SER A 72 13.89 -8.89 16.67
N ASN A 73 13.28 -9.12 17.86
CA ASN A 73 12.18 -10.05 18.03
C ASN A 73 10.94 -9.61 17.25
N HIS A 74 10.70 -8.29 17.20
CA HIS A 74 9.56 -7.71 16.49
C HIS A 74 9.66 -7.82 14.98
N SER A 75 10.87 -7.94 14.43
CA SER A 75 11.05 -8.05 12.98
C SER A 75 11.00 -9.50 12.47
N PHE A 76 10.59 -10.46 13.31
CA PHE A 76 10.48 -11.86 12.91
C PHE A 76 9.18 -12.44 13.39
N SER A 77 8.21 -12.63 12.48
CA SER A 77 6.91 -13.20 12.82
C SER A 77 7.01 -14.69 13.18
N SER A 78 8.01 -15.39 12.61
CA SER A 78 8.25 -16.81 12.87
C SER A 78 8.74 -17.05 14.30
N GLY A 79 9.48 -16.09 14.85
CA GLY A 79 10.03 -16.19 16.19
C GLY A 79 11.40 -16.83 16.27
N TYR A 80 12.03 -17.07 15.11
CA TYR A 80 13.36 -17.68 15.06
C TYR A 80 14.18 -17.16 13.90
N VAL A 81 15.50 -17.10 14.09
CA VAL A 81 16.40 -16.66 13.04
C VAL A 81 16.90 -17.91 12.33
N GLU A 82 16.33 -18.21 11.15
CA GLU A 82 16.69 -19.41 10.40
C GLU A 82 18.07 -19.28 9.78
N MET A 83 19.06 -19.95 10.37
CA MET A 83 20.45 -19.90 9.90
C MET A 83 20.90 -21.22 9.31
N GLU A 84 21.36 -21.22 8.06
CA GLU A 84 21.85 -22.44 7.42
C GLU A 84 23.38 -22.49 7.38
N PHE A 85 23.95 -23.69 7.34
CA PHE A 85 25.40 -23.85 7.29
C PHE A 85 25.79 -24.90 6.24
N GLU A 86 26.88 -24.66 5.50
CA GLU A 86 27.32 -25.59 4.46
C GLU A 86 28.74 -26.08 4.77
N PHE A 87 28.95 -27.39 4.72
CA PHE A 87 30.26 -27.96 5.04
C PHE A 87 30.90 -28.68 3.85
N ASP A 88 32.23 -28.79 3.86
CA ASP A 88 33.01 -29.41 2.79
C ASP A 88 32.87 -30.93 2.69
N ARG A 89 32.73 -31.63 3.81
CA ARG A 89 32.61 -33.09 3.81
C ARG A 89 31.50 -33.61 4.72
N LEU A 90 31.11 -34.88 4.56
CA LEU A 90 30.08 -35.49 5.39
C LEU A 90 30.67 -35.76 6.77
N ARG A 91 30.50 -34.81 7.70
CA ARG A 91 31.07 -34.90 9.04
C ARG A 91 30.06 -35.28 10.11
N ALA A 92 30.54 -35.87 11.21
CA ALA A 92 29.70 -36.22 12.35
C ALA A 92 29.73 -35.00 13.27
N PHE A 93 28.58 -34.37 13.48
CA PHE A 93 28.52 -33.15 14.29
C PHE A 93 28.26 -33.39 15.76
N GLN A 94 29.25 -33.08 16.59
CA GLN A 94 29.13 -33.28 18.03
C GLN A 94 28.35 -32.16 18.72
N ALA A 95 28.77 -30.88 18.55
CA ALA A 95 28.09 -29.74 19.19
C ALA A 95 28.40 -28.41 18.48
N MET A 96 27.52 -27.41 18.67
CA MET A 96 27.69 -26.07 18.12
C MET A 96 27.81 -25.07 19.26
N GLN A 97 28.91 -24.31 19.30
CA GLN A 97 29.12 -23.33 20.34
C GLN A 97 28.97 -21.91 19.78
N VAL A 98 27.95 -21.16 20.23
CA VAL A 98 27.71 -19.81 19.74
C VAL A 98 27.83 -18.75 20.85
N HIS A 99 28.70 -17.76 20.65
CA HIS A 99 28.89 -16.70 21.64
C HIS A 99 27.88 -15.55 21.49
N CYS A 100 26.80 -15.59 22.26
CA CYS A 100 25.75 -14.57 22.21
C CYS A 100 25.84 -13.62 23.43
N ASN A 101 25.44 -12.36 23.24
CA ASN A 101 25.43 -11.37 24.32
C ASN A 101 24.21 -11.59 25.22
N ASN A 102 24.37 -11.41 26.53
CA ASN A 102 23.26 -11.59 27.46
C ASN A 102 22.97 -10.31 28.25
N MET A 103 23.13 -9.14 27.61
CA MET A 103 22.86 -7.86 28.25
C MET A 103 21.34 -7.66 28.37
N HIS A 104 20.77 -8.01 29.54
CA HIS A 104 19.35 -7.91 29.79
C HIS A 104 18.83 -6.48 29.84
N THR A 105 19.68 -5.53 30.25
CA THR A 105 19.28 -4.13 30.33
C THR A 105 19.07 -3.47 28.95
N LEU A 106 19.65 -4.05 27.88
CA LEU A 106 19.48 -3.50 26.53
C LEU A 106 18.78 -4.46 25.55
N GLY A 107 18.06 -5.45 26.06
CA GLY A 107 17.30 -6.39 25.25
C GLY A 107 18.04 -7.56 24.63
N ALA A 108 19.37 -7.45 24.49
CA ALA A 108 20.15 -8.53 23.88
C ALA A 108 20.26 -9.75 24.79
N ARG A 109 19.32 -10.70 24.69
CA ARG A 109 19.35 -11.90 25.53
C ARG A 109 19.61 -13.17 24.72
N LEU A 110 20.11 -14.22 25.40
CA LEU A 110 20.43 -15.52 24.80
C LEU A 110 19.18 -16.19 24.21
N PRO A 111 19.32 -17.01 23.15
CA PRO A 111 18.14 -17.66 22.56
C PRO A 111 17.46 -18.64 23.51
N GLY A 112 16.14 -18.73 23.43
CA GLY A 112 15.35 -19.61 24.28
C GLY A 112 15.45 -21.08 23.91
N GLY A 113 15.75 -21.36 22.65
CA GLY A 113 15.86 -22.72 22.16
C GLY A 113 16.46 -22.78 20.77
N VAL A 114 17.20 -23.84 20.46
CA VAL A 114 17.83 -24.00 19.15
C VAL A 114 17.57 -25.38 18.58
N GLU A 115 16.84 -25.48 17.48
CA GLU A 115 16.61 -26.77 16.83
C GLU A 115 17.31 -26.80 15.47
N CYS A 116 17.99 -27.90 15.15
CA CYS A 116 18.72 -28.00 13.88
C CYS A 116 18.22 -29.09 12.97
N ARG A 117 18.19 -28.81 11.67
CA ARG A 117 17.76 -29.78 10.67
C ARG A 117 18.98 -30.26 9.90
N PHE A 118 19.07 -31.56 9.65
CA PHE A 118 20.24 -32.15 9.01
C PHE A 118 19.93 -32.73 7.64
N ARG A 119 20.92 -32.70 6.74
CA ARG A 119 20.82 -33.29 5.41
C ARG A 119 22.20 -33.68 4.88
N ARG A 120 22.27 -34.82 4.19
CA ARG A 120 23.55 -35.30 3.68
C ARG A 120 23.84 -34.85 2.25
N GLY A 121 22.82 -34.86 1.39
CA GLY A 121 22.98 -34.45 0.01
C GLY A 121 22.53 -33.02 -0.26
N PRO A 122 23.09 -32.38 -1.30
CA PRO A 122 22.70 -31.00 -1.60
C PRO A 122 21.36 -30.86 -2.30
N ALA A 123 20.94 -31.88 -3.06
CA ALA A 123 19.68 -31.82 -3.79
C ALA A 123 18.49 -32.34 -2.97
N MET A 124 18.73 -33.25 -2.02
CA MET A 124 17.66 -33.81 -1.21
C MET A 124 17.18 -32.86 -0.11
N ALA A 125 15.93 -33.05 0.33
CA ALA A 125 15.33 -32.25 1.39
C ALA A 125 15.87 -32.65 2.79
N TRP A 126 15.64 -31.80 3.81
CA TRP A 126 16.09 -32.04 5.18
C TRP A 126 15.49 -33.34 5.75
N GLU A 127 16.37 -34.23 6.25
CA GLU A 127 16.04 -35.54 6.81
C GLU A 127 14.90 -35.48 7.85
N GLY A 128 15.00 -34.59 8.81
CA GLY A 128 14.02 -34.47 9.87
C GLY A 128 14.59 -34.77 11.23
N GLU A 129 13.70 -34.98 12.22
CA GLU A 129 14.07 -35.25 13.62
C GLU A 129 15.05 -34.19 14.16
N PRO A 130 14.56 -32.96 14.39
CA PRO A 130 15.47 -31.90 14.83
C PRO A 130 15.94 -32.03 16.27
N MET A 131 17.19 -31.62 16.53
CA MET A 131 17.75 -31.69 17.87
C MET A 131 17.58 -30.37 18.62
N ARG A 132 16.44 -30.24 19.32
CA ARG A 132 16.09 -29.06 20.08
C ARG A 132 16.73 -29.09 21.48
N HIS A 133 17.44 -28.02 21.86
CA HIS A 133 18.06 -27.92 23.17
C HIS A 133 17.86 -26.51 23.75
N ASN A 134 17.36 -26.43 24.98
CA ASN A 134 17.13 -25.15 25.64
C ASN A 134 18.43 -24.57 26.19
N LEU A 139 20.64 -16.49 33.43
CA LEU A 139 19.81 -15.45 32.83
C LEU A 139 20.11 -14.08 33.45
N GLY A 140 20.29 -14.05 34.76
CA GLY A 140 20.58 -12.83 35.48
C GLY A 140 21.94 -12.26 35.17
N ASP A 141 22.92 -13.14 34.88
CA ASP A 141 24.28 -12.72 34.55
C ASP A 141 24.28 -12.03 33.19
N PRO A 142 24.75 -10.77 33.13
CA PRO A 142 24.75 -10.05 31.85
C PRO A 142 25.98 -10.27 30.98
N ARG A 143 26.76 -11.33 31.24
CA ARG A 143 27.96 -11.62 30.47
C ARG A 143 27.66 -12.51 29.26
N ALA A 144 28.45 -12.35 28.19
CA ALA A 144 28.28 -13.15 26.97
C ALA A 144 28.73 -14.59 27.22
N ARG A 145 27.76 -15.52 27.24
CA ARG A 145 28.06 -16.93 27.50
C ARG A 145 28.06 -17.74 26.20
N ALA A 146 29.11 -18.55 26.00
CA ALA A 146 29.22 -19.40 24.81
C ALA A 146 28.23 -20.55 24.91
N VAL A 147 27.06 -20.40 24.28
CA VAL A 147 25.97 -21.37 24.30
C VAL A 147 26.33 -22.73 23.69
N SER A 148 26.24 -23.79 24.51
CA SER A 148 26.53 -25.15 24.07
C SER A 148 25.30 -25.83 23.50
N VAL A 149 25.28 -26.11 22.19
CA VAL A 149 24.15 -26.75 21.54
C VAL A 149 24.51 -28.16 21.08
N PRO A 150 24.14 -29.18 21.86
CA PRO A 150 24.48 -30.57 21.47
C PRO A 150 23.83 -31.04 20.17
N LEU A 151 24.64 -31.51 19.23
CA LEU A 151 24.16 -31.98 17.94
C LEU A 151 24.06 -33.53 17.82
N GLY A 152 24.34 -34.24 18.91
CA GLY A 152 24.21 -35.69 19.02
C GLY A 152 25.04 -36.58 18.11
N GLY A 153 26.17 -36.08 17.61
CA GLY A 153 27.05 -36.85 16.76
C GLY A 153 26.44 -37.29 15.44
N ARG A 154 25.49 -36.52 14.93
CA ARG A 154 24.80 -36.86 13.69
C ARG A 154 25.62 -36.54 12.45
N VAL A 155 25.73 -37.49 11.52
CA VAL A 155 26.51 -37.31 10.30
C VAL A 155 25.71 -36.60 9.21
N ALA A 156 26.08 -35.35 8.91
CA ALA A 156 25.40 -34.54 7.90
C ALA A 156 26.38 -33.57 7.21
N ARG A 157 26.00 -33.02 6.04
CA ARG A 157 26.85 -32.06 5.33
C ARG A 157 26.30 -30.62 5.36
N PHE A 158 25.00 -30.46 5.63
CA PHE A 158 24.38 -29.13 5.67
C PHE A 158 23.45 -29.02 6.89
N LEU A 159 23.42 -27.85 7.53
CA LEU A 159 22.58 -27.64 8.71
C LEU A 159 21.56 -26.52 8.52
N GLN A 160 20.48 -26.53 9.31
CA GLN A 160 19.45 -25.50 9.27
C GLN A 160 19.01 -25.20 10.70
N CYS A 161 19.86 -24.50 11.45
CA CYS A 161 19.58 -24.18 12.85
C CYS A 161 18.70 -22.96 13.03
N ARG A 162 17.60 -23.13 13.77
CA ARG A 162 16.66 -22.06 14.06
C ARG A 162 16.87 -21.57 15.48
N PHE A 163 17.25 -20.29 15.64
CA PHE A 163 17.50 -19.71 16.96
C PHE A 163 16.28 -18.95 17.45
N LEU A 164 15.53 -19.52 18.41
CA LEU A 164 14.33 -18.89 18.95
C LEU A 164 14.62 -17.60 19.71
N PHE A 165 13.62 -16.72 19.81
CA PHE A 165 13.78 -15.45 20.51
C PHE A 165 13.28 -15.54 21.94
N ALA A 166 14.13 -15.14 22.90
CA ALA A 166 13.75 -15.08 24.31
C ALA A 166 13.67 -13.63 24.76
N GLY A 167 14.63 -12.81 24.32
CA GLY A 167 14.64 -11.39 24.60
C GLY A 167 14.29 -10.56 23.37
N PRO A 168 14.12 -9.25 23.54
CA PRO A 168 13.77 -8.40 22.39
C PRO A 168 14.83 -8.36 21.28
N TRP A 169 16.05 -8.81 21.56
CA TRP A 169 17.13 -8.83 20.57
C TRP A 169 17.96 -10.10 20.66
N LEU A 170 18.57 -10.50 19.53
CA LEU A 170 19.43 -11.67 19.47
C LEU A 170 20.74 -11.23 18.87
N LEU A 171 21.79 -11.14 19.69
CA LEU A 171 23.08 -10.64 19.22
C LEU A 171 24.18 -11.71 19.20
N PHE A 172 24.36 -12.40 18.06
CA PHE A 172 25.40 -13.41 17.93
C PHE A 172 26.70 -12.76 17.47
N SER A 173 27.85 -13.29 17.92
CA SER A 173 29.15 -12.73 17.56
C SER A 173 30.07 -13.74 16.91
N GLU A 174 29.94 -15.03 17.26
CA GLU A 174 30.79 -16.07 16.70
C GLU A 174 30.10 -17.43 16.78
N ILE A 175 30.10 -18.17 15.67
CA ILE A 175 29.51 -19.51 15.63
C ILE A 175 30.59 -20.54 15.32
N SER A 176 30.83 -21.48 16.23
CA SER A 176 31.85 -22.50 16.04
C SER A 176 31.25 -23.91 16.01
N PHE A 177 31.94 -24.84 15.34
CA PHE A 177 31.46 -26.21 15.23
C PHE A 177 32.48 -27.25 15.67
N ILE A 178 31.99 -28.37 16.19
CA ILE A 178 32.81 -29.49 16.63
C ILE A 178 32.42 -30.68 15.76
N SER A 179 33.31 -31.10 14.85
CA SER A 179 33.01 -32.19 13.94
C SER A 179 34.23 -33.00 13.52
N ASP A 180 34.00 -34.27 13.15
CA ASP A 180 35.03 -35.19 12.67
C ASP A 180 34.63 -35.67 11.27
N VAL A 181 35.58 -35.67 10.32
CA VAL A 181 35.28 -36.08 8.96
C VAL A 181 35.10 -37.59 8.84
N VAL A 182 33.88 -38.03 8.51
CA VAL A 182 33.57 -39.45 8.37
C VAL A 182 34.07 -39.99 7.04
N ASN A 183 34.69 -41.18 7.05
CA ASN A 183 35.21 -41.79 5.82
C ASN A 183 34.08 -42.29 4.91
N GLN B 1 16.66 -3.98 -15.29
CA GLN B 1 15.29 -3.54 -15.04
C GLN B 1 14.42 -4.69 -14.54
N VAL B 2 13.86 -4.54 -13.33
CA VAL B 2 13.02 -5.57 -12.74
C VAL B 2 11.56 -5.09 -12.76
N GLN B 3 10.63 -5.98 -13.13
CA GLN B 3 9.21 -5.66 -13.22
C GLN B 3 8.35 -6.68 -12.46
N LEU B 4 7.15 -6.26 -12.06
CA LEU B 4 6.21 -7.11 -11.36
C LEU B 4 4.84 -6.90 -11.96
N VAL B 5 4.52 -7.64 -13.03
CA VAL B 5 3.23 -7.49 -13.69
C VAL B 5 2.31 -8.68 -13.37
N GLU B 6 1.12 -8.39 -12.83
CA GLU B 6 0.16 -9.43 -12.47
C GLU B 6 -0.92 -9.57 -13.52
N SER B 7 -1.25 -10.80 -13.90
CA SER B 7 -2.28 -11.06 -14.90
C SER B 7 -3.64 -11.25 -14.24
N GLY B 8 -4.28 -10.13 -13.92
CA GLY B 8 -5.60 -10.12 -13.32
C GLY B 8 -6.54 -9.24 -14.13
N GLY B 9 -7.32 -8.42 -13.44
CA GLY B 9 -8.23 -7.50 -14.11
C GLY B 9 -9.46 -8.17 -14.68
N ARG B 10 -10.15 -8.96 -13.85
CA ARG B 10 -11.36 -9.65 -14.31
C ARG B 10 -12.55 -9.37 -13.41
N VAL B 11 -13.74 -9.28 -13.99
CA VAL B 11 -14.96 -9.08 -13.23
C VAL B 11 -15.48 -10.44 -12.80
N VAL B 12 -15.82 -10.62 -11.52
CA VAL B 12 -16.33 -11.88 -10.99
C VAL B 12 -17.67 -11.68 -10.26
N GLN B 13 -18.43 -12.77 -10.13
CA GLN B 13 -19.73 -12.73 -9.47
C GLN B 13 -19.58 -13.05 -7.98
N PRO B 14 -20.39 -12.43 -7.11
CA PRO B 14 -20.28 -12.73 -5.67
C PRO B 14 -20.44 -14.21 -5.33
N GLY B 15 -19.34 -14.81 -4.86
CA GLY B 15 -19.29 -16.22 -4.52
C GLY B 15 -18.28 -17.01 -5.33
N ARG B 16 -17.93 -16.50 -6.53
CA ARG B 16 -16.98 -17.13 -7.45
C ARG B 16 -15.52 -17.03 -6.96
N SER B 17 -14.58 -17.75 -7.61
CA SER B 17 -13.18 -17.72 -7.21
C SER B 17 -12.25 -17.32 -8.34
N LEU B 18 -11.51 -16.22 -8.14
CA LEU B 18 -10.58 -15.71 -9.15
C LEU B 18 -9.16 -15.83 -8.63
N ARG B 19 -8.22 -16.24 -9.50
CA ARG B 19 -6.82 -16.34 -9.10
C ARG B 19 -5.95 -15.38 -9.90
N LEU B 20 -5.08 -14.63 -9.21
CA LEU B 20 -4.20 -13.65 -9.84
C LEU B 20 -2.78 -14.21 -9.99
N SER B 21 -2.03 -13.70 -10.99
CA SER B 21 -0.67 -14.21 -11.22
C SER B 21 0.41 -13.12 -11.35
N CYS B 22 1.11 -12.82 -10.25
CA CYS B 22 2.19 -11.83 -10.20
C CYS B 22 3.47 -12.40 -10.84
N THR B 23 3.63 -12.19 -12.14
CA THR B 23 4.82 -12.66 -12.85
C THR B 23 5.95 -11.65 -12.58
N ALA B 24 7.17 -12.14 -12.36
CA ALA B 24 8.29 -11.27 -12.07
C ALA B 24 9.36 -11.27 -13.17
N SER B 25 9.37 -10.23 -14.00
CA SER B 25 10.36 -10.12 -15.06
C SER B 25 11.65 -9.60 -14.45
N GLY B 26 12.77 -10.27 -14.71
CA GLY B 26 14.05 -9.86 -14.17
C GLY B 26 14.41 -10.55 -12.87
N ASN B 30 14.29 -12.70 -8.14
CA ASN B 30 13.01 -13.37 -8.33
C ASN B 30 12.48 -14.01 -7.04
N ARG B 31 13.36 -14.43 -6.13
CA ARG B 31 12.97 -15.06 -4.87
C ARG B 31 13.20 -14.15 -3.66
N TYR B 32 12.27 -13.24 -3.43
CA TYR B 32 12.30 -12.29 -2.31
C TYR B 32 11.10 -12.60 -1.36
N TYR B 33 11.00 -11.90 -0.22
CA TYR B 33 9.86 -12.05 0.68
C TYR B 33 8.71 -11.35 -0.02
N MET B 34 7.78 -12.13 -0.58
CA MET B 34 6.71 -11.56 -1.39
C MET B 34 5.40 -11.36 -0.63
N LEU B 35 4.71 -10.26 -0.97
CA LEU B 35 3.44 -9.88 -0.33
C LEU B 35 2.38 -9.50 -1.38
N TRP B 36 1.15 -9.26 -0.94
CA TRP B 36 0.05 -8.81 -1.80
C TRP B 36 -0.67 -7.70 -1.07
N VAL B 37 -0.79 -6.52 -1.68
CA VAL B 37 -1.46 -5.39 -1.03
C VAL B 37 -2.58 -4.85 -1.93
N ARG B 38 -3.78 -4.66 -1.39
CA ARG B 38 -4.91 -4.15 -2.17
C ARG B 38 -5.30 -2.74 -1.77
N GLN B 39 -5.92 -2.01 -2.70
CA GLN B 39 -6.37 -0.66 -2.44
C GLN B 39 -7.71 -0.41 -3.13
N ALA B 40 -8.78 -0.31 -2.34
CA ALA B 40 -10.11 -0.04 -2.89
C ALA B 40 -10.18 1.41 -3.40
N PRO B 41 -10.96 1.68 -4.46
CA PRO B 41 -11.03 3.05 -5.00
C PRO B 41 -11.49 4.06 -3.94
N GLY B 42 -10.61 4.99 -3.63
CA GLY B 42 -10.88 6.00 -2.61
C GLY B 42 -10.27 5.61 -1.27
N LYS B 43 -10.37 4.32 -0.92
CA LYS B 43 -9.81 3.79 0.33
C LYS B 43 -8.27 3.68 0.28
N GLY B 44 -7.65 3.49 1.43
CA GLY B 44 -6.20 3.37 1.52
C GLY B 44 -5.69 1.98 1.21
N LEU B 45 -4.47 1.67 1.68
CA LEU B 45 -3.88 0.36 1.44
C LEU B 45 -4.05 -0.57 2.61
N GLU B 46 -4.33 -1.84 2.32
CA GLU B 46 -4.44 -2.88 3.34
C GLU B 46 -3.71 -4.11 2.85
N TRP B 47 -2.75 -4.59 3.64
CA TRP B 47 -1.95 -5.76 3.28
C TRP B 47 -2.79 -7.05 3.40
N ILE B 48 -2.68 -7.93 2.40
CA ILE B 48 -3.44 -9.17 2.31
C ILE B 48 -2.72 -10.36 2.91
N GLY B 49 -1.49 -10.63 2.47
CA GLY B 49 -0.73 -11.77 2.96
C GLY B 49 0.74 -11.71 2.62
N THR B 50 1.48 -12.77 2.95
CA THR B 50 2.92 -12.85 2.70
C THR B 50 3.40 -14.31 2.53
N ILE B 51 4.54 -14.52 1.84
CA ILE B 51 5.09 -15.85 1.65
C ILE B 51 6.62 -15.85 1.84
N SER B 52 7.08 -16.66 2.81
CA SER B 52 8.50 -16.75 3.16
C SER B 52 9.24 -17.82 2.35
N TYR B 53 9.49 -17.52 1.06
CA TYR B 53 10.19 -18.42 0.14
C TYR B 53 9.63 -19.85 0.10
N GLY B 54 8.48 -20.03 -0.53
CA GLY B 54 7.86 -21.34 -0.63
C GLY B 54 7.05 -21.79 0.58
N ASP B 55 7.29 -21.18 1.74
CA ASP B 55 6.57 -21.52 2.96
C ASP B 55 5.76 -20.31 3.41
N THR B 56 4.43 -20.41 3.35
CA THR B 56 3.51 -19.34 3.68
C THR B 56 3.59 -18.82 5.12
N THR B 57 3.16 -17.57 5.32
CA THR B 57 3.10 -16.91 6.62
C THR B 57 1.76 -16.20 6.71
N TYR B 58 1.04 -16.35 7.85
CA TYR B 58 -0.28 -15.80 8.16
C TYR B 58 -0.77 -14.67 7.24
N TYR B 59 -1.91 -14.90 6.59
CA TYR B 59 -2.46 -13.94 5.64
C TYR B 59 -2.99 -12.67 6.31
N ALA B 60 -4.13 -12.70 7.00
CA ALA B 60 -4.72 -11.51 7.65
C ALA B 60 -5.83 -11.93 8.63
N SER B 61 -6.30 -11.01 9.50
CA SER B 61 -7.40 -11.31 10.41
C SER B 61 -8.67 -11.58 9.61
N TRP B 62 -8.92 -10.78 8.56
CA TRP B 62 -10.08 -10.99 7.71
C TRP B 62 -9.84 -12.10 6.69
N ALA B 63 -8.61 -12.21 6.18
CA ALA B 63 -8.28 -13.23 5.20
C ALA B 63 -7.85 -14.56 5.83
N LYS B 64 -8.36 -14.88 7.04
CA LYS B 64 -8.03 -16.15 7.68
C LYS B 64 -8.67 -17.28 6.86
N GLY B 65 -9.94 -17.11 6.51
CA GLY B 65 -10.65 -18.03 5.64
C GLY B 65 -10.40 -17.60 4.21
N ARG B 66 -10.24 -18.59 3.30
CA ARG B 66 -9.95 -18.39 1.87
C ARG B 66 -8.60 -17.61 1.67
N PHE B 67 -8.30 -17.11 0.45
CA PHE B 67 -7.04 -16.40 0.14
C PHE B 67 -5.80 -17.27 0.35
N THR B 68 -5.41 -18.03 -0.68
CA THR B 68 -4.24 -18.89 -0.60
C THR B 68 -3.13 -18.35 -1.48
N ILE B 69 -1.93 -18.16 -0.92
CA ILE B 69 -0.80 -17.66 -1.72
C ILE B 69 0.13 -18.79 -2.14
N SER B 70 -0.06 -19.27 -3.36
CA SER B 70 0.78 -20.31 -3.92
C SER B 70 1.98 -19.69 -4.63
N ARG B 71 3.04 -20.46 -4.86
CA ARG B 71 4.23 -19.96 -5.53
C ARG B 71 4.71 -20.96 -6.56
N ASP B 72 5.16 -20.46 -7.72
CA ASP B 72 5.64 -21.34 -8.78
C ASP B 72 7.03 -20.89 -9.23
N ASN B 73 8.06 -21.64 -8.85
CA ASN B 73 9.42 -21.30 -9.24
C ASN B 73 9.72 -21.67 -10.69
N SER B 74 9.03 -22.68 -11.23
CA SER B 74 9.23 -23.08 -12.62
C SER B 74 8.72 -22.00 -13.58
N LYS B 75 7.62 -21.33 -13.21
CA LYS B 75 7.06 -20.25 -14.03
C LYS B 75 7.43 -18.83 -13.53
N ASN B 76 8.13 -18.73 -12.38
CA ASN B 76 8.55 -17.48 -11.74
C ASN B 76 7.37 -16.54 -11.52
N THR B 77 6.28 -17.09 -10.99
CA THR B 77 5.06 -16.33 -10.79
C THR B 77 4.37 -16.64 -9.46
N LEU B 78 3.90 -15.60 -8.75
CA LEU B 78 3.16 -15.76 -7.50
C LEU B 78 1.69 -15.98 -7.87
N TYR B 79 1.01 -16.91 -7.21
CA TYR B 79 -0.42 -17.15 -7.49
C TYR B 79 -1.30 -16.84 -6.30
N LEU B 80 -2.40 -16.10 -6.53
CA LEU B 80 -3.31 -15.76 -5.43
C LEU B 80 -4.75 -16.16 -5.70
N GLN B 81 -5.17 -17.31 -5.13
CA GLN B 81 -6.53 -17.78 -5.28
C GLN B 81 -7.39 -17.17 -4.17
N MET B 82 -8.45 -16.46 -4.55
CA MET B 82 -9.30 -15.78 -3.57
C MET B 82 -10.51 -16.59 -3.09
N ASN B 83 -10.86 -17.69 -3.78
CA ASN B 83 -11.96 -18.59 -3.44
C ASN B 83 -13.30 -17.81 -3.19
N SER B 84 -14.01 -18.00 -2.04
CA SER B 84 -15.27 -17.29 -1.76
C SER B 84 -15.09 -15.79 -1.82
N LEU B 85 -16.01 -15.09 -2.49
CA LEU B 85 -15.89 -13.65 -2.65
C LEU B 85 -17.18 -12.91 -2.35
N ARG B 86 -17.05 -11.67 -1.89
CA ARG B 86 -18.17 -10.79 -1.61
C ARG B 86 -18.02 -9.49 -2.42
N ALA B 87 -19.13 -8.78 -2.65
CA ALA B 87 -19.14 -7.54 -3.42
C ALA B 87 -18.21 -6.45 -2.85
N GLU B 88 -17.88 -6.52 -1.57
CA GLU B 88 -17.00 -5.56 -0.92
C GLU B 88 -15.49 -5.81 -1.17
N ASP B 89 -15.15 -6.89 -1.88
CA ASP B 89 -13.75 -7.21 -2.16
C ASP B 89 -13.19 -6.59 -3.44
N THR B 90 -13.87 -5.56 -3.99
CA THR B 90 -13.39 -4.89 -5.20
C THR B 90 -12.30 -3.88 -4.85
N ALA B 91 -11.09 -4.09 -5.40
CA ALA B 91 -9.92 -3.26 -5.14
C ALA B 91 -8.84 -3.46 -6.23
N VAL B 92 -7.78 -2.62 -6.26
CA VAL B 92 -6.68 -2.80 -7.19
C VAL B 92 -5.67 -3.70 -6.48
N TYR B 93 -5.30 -4.84 -7.07
CA TYR B 93 -4.39 -5.78 -6.40
C TYR B 93 -2.95 -5.69 -6.87
N TYR B 94 -2.06 -5.23 -5.98
CA TYR B 94 -0.64 -5.11 -6.26
C TYR B 94 0.13 -6.24 -5.56
N CYS B 95 1.34 -6.57 -6.07
CA CYS B 95 2.18 -7.56 -5.41
C CYS B 95 3.49 -6.91 -4.98
N ALA B 96 3.73 -6.85 -3.69
CA ALA B 96 4.90 -6.22 -3.12
C ALA B 96 6.12 -7.11 -3.12
N ARG B 97 7.32 -6.52 -3.20
CA ARG B 97 8.58 -7.25 -3.15
C ARG B 97 9.44 -6.67 -2.04
N ALA B 98 9.39 -7.26 -0.83
CA ALA B 98 10.14 -6.75 0.30
C ALA B 98 11.64 -6.97 0.22
N ASP B 99 12.39 -5.87 0.23
CA ASP B 99 13.84 -5.88 0.17
C ASP B 99 14.37 -4.98 1.29
N THR B 100 15.40 -5.44 2.00
CA THR B 100 15.97 -4.67 3.11
C THR B 100 16.73 -3.42 2.68
N GLY B 101 16.71 -2.40 3.52
CA GLY B 101 17.43 -1.17 3.25
C GLY B 101 18.87 -1.24 3.72
N ASP B 102 19.53 -0.09 3.82
CA ASP B 102 20.91 -0.04 4.27
C ASP B 102 21.09 -0.26 5.79
N ASN B 103 20.00 -0.40 6.54
CA ASN B 103 20.08 -0.63 7.98
C ASN B 103 19.65 -2.04 8.43
N GLY B 104 19.34 -2.92 7.48
CA GLY B 104 18.95 -4.30 7.78
C GLY B 104 17.46 -4.52 7.88
N TYR B 105 16.71 -3.47 8.20
CA TYR B 105 15.27 -3.57 8.33
C TYR B 105 14.58 -3.78 7.00
N LEU B 106 13.44 -4.47 7.04
CA LEU B 106 12.67 -4.76 5.84
C LEU B 106 11.77 -3.57 5.42
N GLY B 107 11.33 -3.59 4.17
CA GLY B 107 10.46 -2.60 3.57
C GLY B 107 10.46 -2.83 2.07
N LEU B 108 9.27 -3.00 1.45
CA LEU B 108 9.21 -3.27 0.02
C LEU B 108 9.64 -2.05 -0.81
N GLN B 109 10.56 -2.27 -1.74
CA GLN B 109 11.07 -1.20 -2.60
C GLN B 109 10.38 -1.22 -3.96
N LEU B 110 10.13 -2.42 -4.51
CA LEU B 110 9.47 -2.53 -5.82
C LEU B 110 8.02 -2.97 -5.66
N TRP B 111 7.14 -2.19 -6.29
CA TRP B 111 5.71 -2.41 -6.31
C TRP B 111 5.24 -2.96 -7.65
N GLY B 112 4.04 -3.54 -7.66
CA GLY B 112 3.44 -4.09 -8.87
C GLY B 112 2.72 -3.05 -9.71
N GLN B 113 2.06 -3.48 -10.78
CA GLN B 113 1.31 -2.57 -11.64
C GLN B 113 -0.11 -2.35 -11.14
N GLY B 114 -0.72 -3.42 -10.63
CA GLY B 114 -2.07 -3.37 -10.10
C GLY B 114 -3.11 -3.80 -11.11
N THR B 115 -4.00 -4.70 -10.71
CA THR B 115 -5.08 -5.17 -11.57
C THR B 115 -6.41 -5.02 -10.85
N LEU B 116 -7.33 -4.28 -11.44
CA LEU B 116 -8.64 -4.03 -10.82
C LEU B 116 -9.58 -5.22 -10.92
N VAL B 117 -10.07 -5.68 -9.78
CA VAL B 117 -11.01 -6.79 -9.71
C VAL B 117 -12.37 -6.23 -9.29
N THR B 118 -13.42 -6.53 -10.05
CA THR B 118 -14.75 -6.03 -9.73
C THR B 118 -15.64 -7.19 -9.32
N VAL B 119 -16.28 -7.11 -8.14
CA VAL B 119 -17.16 -8.17 -7.69
C VAL B 119 -18.61 -7.70 -7.69
N SER B 120 -19.36 -8.05 -8.74
CA SER B 120 -20.76 -7.67 -8.87
C SER B 120 -21.52 -8.68 -9.72
N SER B 121 -22.85 -8.72 -9.56
CA SER B 121 -23.70 -9.65 -10.32
C SER B 121 -24.18 -9.09 -11.66
N ALA B 122 -24.14 -7.77 -11.85
CA ALA B 122 -24.61 -7.11 -13.07
C ALA B 122 -23.77 -7.48 -14.30
N SER B 123 -24.38 -7.35 -15.50
CA SER B 123 -23.72 -7.69 -16.76
C SER B 123 -23.18 -6.44 -17.46
N THR B 124 -22.13 -6.61 -18.28
CA THR B 124 -21.48 -5.55 -19.05
C THR B 124 -22.49 -4.76 -19.89
N LYS B 125 -22.77 -3.52 -19.48
CA LYS B 125 -23.74 -2.66 -20.16
C LYS B 125 -23.04 -1.44 -20.77
N GLY B 126 -23.52 -1.00 -21.92
CA GLY B 126 -22.99 0.18 -22.59
C GLY B 126 -23.45 1.46 -21.93
N PRO B 127 -22.67 2.54 -22.05
CA PRO B 127 -23.05 3.79 -21.38
C PRO B 127 -24.13 4.58 -22.11
N SER B 128 -24.84 5.43 -21.36
CA SER B 128 -25.88 6.29 -21.90
C SER B 128 -25.45 7.73 -21.69
N VAL B 129 -25.18 8.46 -22.77
CA VAL B 129 -24.72 9.85 -22.67
C VAL B 129 -25.87 10.84 -22.82
N PHE B 130 -26.02 11.75 -21.84
CA PHE B 130 -27.08 12.76 -21.87
C PHE B 130 -26.49 14.16 -21.79
N PRO B 131 -27.04 15.13 -22.53
CA PRO B 131 -26.49 16.49 -22.48
C PRO B 131 -26.95 17.29 -21.26
N LEU B 132 -26.15 18.29 -20.87
CA LEU B 132 -26.48 19.14 -19.72
C LEU B 132 -26.78 20.55 -20.24
N ALA B 133 -28.05 20.96 -20.16
CA ALA B 133 -28.50 22.27 -20.65
C ALA B 133 -27.86 23.48 -19.99
N PRO B 134 -27.12 24.29 -20.77
CA PRO B 134 -26.49 25.49 -20.20
C PRO B 134 -27.44 26.69 -20.23
N GLY B 142 -20.52 35.03 -15.19
CA GLY B 142 -20.24 35.53 -16.53
C GLY B 142 -19.93 34.43 -17.54
N THR B 143 -19.46 33.26 -17.06
CA THR B 143 -19.14 32.13 -17.93
C THR B 143 -20.13 30.98 -17.66
N ALA B 144 -20.74 30.44 -18.71
CA ALA B 144 -21.69 29.35 -18.56
C ALA B 144 -21.02 27.97 -18.50
N ALA B 145 -21.69 26.98 -17.93
CA ALA B 145 -21.13 25.63 -17.83
C ALA B 145 -22.02 24.61 -18.56
N LEU B 146 -21.40 23.63 -19.22
CA LEU B 146 -22.12 22.59 -19.95
C LEU B 146 -21.35 21.28 -19.93
N GLY B 147 -22.04 20.15 -20.04
CA GLY B 147 -21.37 18.86 -20.04
C GLY B 147 -22.18 17.65 -20.45
N CYS B 148 -21.59 16.47 -20.24
CA CYS B 148 -22.21 15.19 -20.56
C CYS B 148 -22.46 14.37 -19.29
N LEU B 149 -23.43 13.47 -19.35
CA LEU B 149 -23.75 12.60 -18.23
C LEU B 149 -23.71 11.14 -18.68
N VAL B 150 -22.70 10.41 -18.21
CA VAL B 150 -22.56 8.99 -18.53
C VAL B 150 -23.29 8.27 -17.38
N LYS B 151 -24.62 8.14 -17.50
CA LYS B 151 -25.44 7.59 -16.41
C LYS B 151 -25.40 6.06 -16.22
N ASP B 152 -25.84 5.26 -17.21
CA ASP B 152 -25.91 3.81 -17.01
C ASP B 152 -24.86 2.99 -17.76
N TYR B 153 -23.90 2.41 -17.03
CA TYR B 153 -22.85 1.55 -17.56
C TYR B 153 -22.26 0.70 -16.42
N PHE B 154 -21.99 -0.59 -16.66
CA PHE B 154 -21.51 -1.47 -15.61
C PHE B 154 -19.97 -1.46 -15.38
N PRO B 155 -19.08 -1.85 -16.35
CA PRO B 155 -17.65 -1.94 -16.00
C PRO B 155 -16.86 -0.65 -16.13
N GLU B 156 -15.81 -0.54 -15.31
CA GLU B 156 -14.93 0.62 -15.31
C GLU B 156 -13.69 0.32 -16.19
N PRO B 157 -13.09 1.30 -16.88
CA PRO B 157 -13.36 2.74 -16.89
C PRO B 157 -14.00 3.26 -18.18
N VAL B 158 -14.17 4.59 -18.29
CA VAL B 158 -14.71 5.23 -19.48
C VAL B 158 -13.87 6.49 -19.75
N THR B 159 -13.36 6.64 -20.97
CA THR B 159 -12.52 7.78 -21.32
C THR B 159 -13.33 8.87 -22.02
N VAL B 160 -13.56 9.99 -21.35
CA VAL B 160 -14.33 11.09 -21.94
C VAL B 160 -13.42 12.18 -22.47
N SER B 161 -13.53 12.48 -23.76
CA SER B 161 -12.74 13.53 -24.40
C SER B 161 -13.64 14.73 -24.72
N TRP B 162 -13.06 15.91 -24.93
CA TRP B 162 -13.84 17.10 -25.29
C TRP B 162 -13.40 17.66 -26.62
N ASN B 163 -14.34 17.75 -27.59
CA ASN B 163 -14.14 18.24 -28.97
C ASN B 163 -13.03 17.49 -29.69
N SER B 164 -12.98 16.17 -29.51
CA SER B 164 -11.97 15.25 -30.08
C SER B 164 -10.57 15.56 -29.57
N GLY B 165 -10.48 15.87 -28.29
CA GLY B 165 -9.20 16.17 -27.66
C GLY B 165 -8.64 17.53 -28.04
N ALA B 166 -9.50 18.54 -28.18
CA ALA B 166 -9.06 19.88 -28.53
C ALA B 166 -9.35 20.90 -27.42
N LEU B 167 -10.41 20.68 -26.64
CA LEU B 167 -10.77 21.56 -25.54
C LEU B 167 -10.40 20.92 -24.20
N THR B 168 -9.50 21.56 -23.45
CA THR B 168 -9.03 21.05 -22.16
C THR B 168 -9.20 22.07 -21.04
N SER B 169 -9.09 23.36 -21.36
CA SER B 169 -9.19 24.41 -20.36
C SER B 169 -10.59 24.49 -19.75
N GLY B 170 -10.68 24.22 -18.46
CA GLY B 170 -11.95 24.28 -17.72
C GLY B 170 -12.71 22.97 -17.66
N VAL B 171 -12.17 21.89 -18.23
CA VAL B 171 -12.83 20.58 -18.21
C VAL B 171 -12.60 19.87 -16.89
N HIS B 172 -13.67 19.30 -16.31
CA HIS B 172 -13.58 18.58 -15.05
C HIS B 172 -14.31 17.24 -15.16
N THR B 173 -13.57 16.15 -15.40
CA THR B 173 -14.16 14.82 -15.48
C THR B 173 -14.21 14.20 -14.09
N PHE B 174 -15.39 14.15 -13.52
CA PHE B 174 -15.64 13.66 -12.17
C PHE B 174 -15.41 12.18 -11.96
N PRO B 175 -15.03 11.75 -10.74
CA PRO B 175 -14.91 10.30 -10.49
C PRO B 175 -16.26 9.59 -10.52
N ALA B 176 -16.32 8.38 -11.09
CA ALA B 176 -17.55 7.62 -11.22
C ALA B 176 -18.18 7.22 -9.88
N VAL B 177 -19.47 7.50 -9.70
CA VAL B 177 -20.16 7.14 -8.47
C VAL B 177 -20.92 5.83 -8.63
N LEU B 178 -20.94 4.99 -7.59
CA LEU B 178 -21.64 3.71 -7.65
C LEU B 178 -23.11 3.89 -7.26
N GLN B 179 -24.01 3.68 -8.23
CA GLN B 179 -25.44 3.83 -8.00
C GLN B 179 -26.05 2.59 -7.32
N SER B 180 -27.26 2.74 -6.76
CA SER B 180 -27.99 1.66 -6.08
C SER B 180 -28.26 0.46 -6.99
N SER B 181 -28.39 0.71 -8.30
CA SER B 181 -28.63 -0.34 -9.30
C SER B 181 -27.42 -1.24 -9.52
N GLY B 182 -26.23 -0.74 -9.24
CA GLY B 182 -24.99 -1.48 -9.45
C GLY B 182 -24.13 -0.92 -10.57
N LEU B 183 -24.65 0.05 -11.33
CA LEU B 183 -23.96 0.68 -12.44
C LEU B 183 -23.30 1.99 -11.97
N TYR B 184 -22.25 2.42 -12.68
CA TYR B 184 -21.54 3.65 -12.32
C TYR B 184 -22.14 4.88 -13.03
N SER B 185 -21.86 6.08 -12.52
CA SER B 185 -22.33 7.31 -13.14
C SER B 185 -21.20 8.31 -13.20
N LEU B 186 -20.81 8.68 -14.41
CA LEU B 186 -19.73 9.65 -14.62
C LEU B 186 -20.32 10.97 -15.14
N SER B 187 -19.60 12.07 -14.95
CA SER B 187 -20.03 13.38 -15.42
C SER B 187 -18.82 14.20 -15.84
N SER B 188 -18.85 14.80 -17.02
CA SER B 188 -17.75 15.64 -17.49
C SER B 188 -18.32 16.99 -17.87
N VAL B 189 -17.83 18.08 -17.27
CA VAL B 189 -18.34 19.42 -17.58
C VAL B 189 -17.23 20.38 -17.98
N VAL B 190 -17.58 21.39 -18.79
CA VAL B 190 -16.62 22.38 -19.28
C VAL B 190 -17.03 23.80 -18.93
N THR B 191 -16.16 24.53 -18.23
CA THR B 191 -16.43 25.91 -17.85
C THR B 191 -16.02 26.85 -18.99
N VAL B 192 -16.96 27.14 -19.90
CA VAL B 192 -16.72 28.03 -21.04
C VAL B 192 -17.44 29.38 -20.85
N PRO B 193 -17.02 30.47 -21.53
CA PRO B 193 -17.73 31.75 -21.34
C PRO B 193 -19.12 31.77 -21.99
N SER B 194 -20.06 32.54 -21.42
CA SER B 194 -21.42 32.61 -21.94
C SER B 194 -21.47 33.16 -23.37
N SER B 195 -20.52 34.03 -23.73
CA SER B 195 -20.44 34.59 -25.08
C SER B 195 -20.05 33.51 -26.10
N SER B 196 -19.18 32.56 -25.70
CA SER B 196 -18.74 31.45 -26.55
C SER B 196 -19.88 30.43 -26.79
N LEU B 197 -20.92 30.42 -25.94
CA LEU B 197 -22.04 29.51 -26.09
C LEU B 197 -22.95 29.97 -27.21
N GLY B 198 -23.11 29.13 -28.22
CA GLY B 198 -23.95 29.47 -29.37
C GLY B 198 -23.16 29.53 -30.66
N THR B 199 -21.91 29.97 -30.59
CA THR B 199 -21.04 30.06 -31.77
C THR B 199 -20.17 28.82 -31.89
N GLN B 200 -19.60 28.36 -30.76
CA GLN B 200 -18.77 27.17 -30.76
C GLN B 200 -19.60 25.90 -30.60
N THR B 201 -19.09 24.78 -31.08
CA THR B 201 -19.78 23.49 -30.98
C THR B 201 -19.07 22.62 -29.95
N TYR B 202 -19.82 22.09 -28.98
CA TYR B 202 -19.24 21.25 -27.95
C TYR B 202 -19.77 19.81 -27.99
N ILE B 203 -18.91 18.88 -28.44
CA ILE B 203 -19.25 17.47 -28.55
C ILE B 203 -18.28 16.68 -27.69
N CYS B 204 -18.78 15.83 -26.78
CA CYS B 204 -17.88 15.02 -25.96
C CYS B 204 -17.71 13.61 -26.53
N ASN B 205 -16.46 13.20 -26.74
CA ASN B 205 -16.15 11.90 -27.28
C ASN B 205 -16.09 10.87 -26.17
N VAL B 206 -17.22 10.21 -25.87
CA VAL B 206 -17.25 9.20 -24.83
C VAL B 206 -16.76 7.87 -25.38
N ASN B 207 -15.66 7.35 -24.84
CA ASN B 207 -15.06 6.10 -25.30
C ASN B 207 -15.16 5.02 -24.23
N HIS B 208 -15.83 3.90 -24.55
CA HIS B 208 -15.98 2.81 -23.60
C HIS B 208 -15.41 1.51 -24.17
N LYS B 209 -14.31 1.03 -23.59
CA LYS B 209 -13.64 -0.18 -24.06
C LYS B 209 -14.28 -1.51 -23.58
N PRO B 210 -14.78 -1.64 -22.32
CA PRO B 210 -15.34 -2.94 -21.89
C PRO B 210 -16.53 -3.46 -22.70
N SER B 211 -17.40 -2.56 -23.17
CA SER B 211 -18.57 -2.98 -23.96
C SER B 211 -18.45 -2.71 -25.46
N ASN B 212 -17.28 -2.25 -25.94
CA ASN B 212 -17.01 -1.93 -27.34
C ASN B 212 -17.98 -0.87 -27.87
N THR B 213 -18.15 0.22 -27.12
CA THR B 213 -19.07 1.29 -27.50
C THR B 213 -18.38 2.65 -27.48
N LYS B 214 -18.84 3.56 -28.35
CA LYS B 214 -18.26 4.90 -28.42
C LYS B 214 -19.35 5.88 -28.82
N VAL B 215 -19.73 6.78 -27.89
CA VAL B 215 -20.80 7.73 -28.15
C VAL B 215 -20.29 9.16 -28.24
N ASP B 216 -20.48 9.80 -29.41
CA ASP B 216 -20.08 11.19 -29.62
C ASP B 216 -21.35 12.05 -29.53
N LYS B 217 -21.68 12.51 -28.33
CA LYS B 217 -22.89 13.30 -28.11
C LYS B 217 -22.62 14.79 -27.97
N ARG B 218 -23.32 15.61 -28.76
CA ARG B 218 -23.16 17.06 -28.69
C ARG B 218 -24.06 17.67 -27.62
N VAL B 219 -23.66 18.82 -27.07
CA VAL B 219 -24.42 19.49 -26.02
C VAL B 219 -25.14 20.73 -26.56
N GLU B 220 -26.49 20.67 -26.65
CA GLU B 220 -27.36 21.73 -27.14
C GLU B 220 -26.95 22.19 -28.54
N PRO B 221 -27.46 21.53 -29.60
CA PRO B 221 -27.05 21.89 -30.97
C PRO B 221 -27.46 23.29 -31.41
N LYS B 222 -26.50 24.22 -31.39
CA LYS B 222 -26.72 25.60 -31.78
C LYS B 222 -25.52 26.12 -32.58
N ILE C 1 -0.66 -5.29 15.54
CA ILE C 1 -1.75 -5.75 14.70
C ILE C 1 -2.43 -4.57 13.99
N GLN C 2 -2.75 -3.50 14.72
CA GLN C 2 -3.40 -2.32 14.13
C GLN C 2 -2.49 -1.11 14.04
N MET C 3 -2.46 -0.47 12.87
CA MET C 3 -1.65 0.73 12.64
C MET C 3 -2.61 1.89 12.45
N THR C 4 -2.69 2.79 13.43
CA THR C 4 -3.61 3.93 13.35
C THR C 4 -2.89 5.25 13.06
N GLN C 5 -2.86 5.63 11.79
CA GLN C 5 -2.23 6.86 11.34
C GLN C 5 -3.14 8.05 11.64
N SER C 6 -2.56 9.17 12.09
CA SER C 6 -3.36 10.36 12.39
C SER C 6 -2.57 11.65 12.12
N PRO C 7 -3.20 12.69 11.54
CA PRO C 7 -4.60 12.78 11.11
C PRO C 7 -4.85 12.23 9.71
N SER C 8 -6.11 12.23 9.25
CA SER C 8 -6.44 11.72 7.91
C SER C 8 -6.06 12.69 6.79
N SER C 9 -5.89 13.98 7.12
CA SER C 9 -5.52 15.00 6.13
C SER C 9 -4.73 16.13 6.79
N VAL C 10 -3.80 16.72 6.05
CA VAL C 10 -2.99 17.83 6.53
C VAL C 10 -3.00 18.95 5.51
N SER C 11 -3.52 20.12 5.90
CA SER C 11 -3.57 21.27 4.99
C SER C 11 -2.37 22.15 5.25
N ALA C 12 -1.42 22.20 4.31
CA ALA C 12 -0.22 23.00 4.46
C ALA C 12 0.29 23.51 3.12
N SER C 13 0.90 24.69 3.12
CA SER C 13 1.42 25.30 1.89
C SER C 13 2.91 24.97 1.65
N VAL C 14 3.40 25.21 0.43
CA VAL C 14 4.79 24.94 0.06
C VAL C 14 5.76 25.72 0.95
N GLY C 15 6.59 24.98 1.69
CA GLY C 15 7.57 25.53 2.62
C GLY C 15 7.30 25.23 4.08
N ASP C 16 6.08 24.81 4.42
CA ASP C 16 5.72 24.52 5.80
C ASP C 16 6.29 23.21 6.29
N ARG C 17 6.63 23.15 7.59
CA ARG C 17 7.15 21.93 8.18
C ARG C 17 5.96 21.03 8.49
N VAL C 18 5.94 19.81 7.94
CA VAL C 18 4.80 18.91 8.16
C VAL C 18 5.21 17.61 8.86
N THR C 19 4.58 17.30 9.99
CA THR C 19 4.86 16.07 10.73
C THR C 19 3.65 15.15 10.74
N ILE C 20 3.82 13.89 10.32
CA ILE C 20 2.75 12.91 10.27
C ILE C 20 2.95 11.86 11.35
N THR C 21 1.93 11.59 12.17
CA THR C 21 2.05 10.63 13.25
C THR C 21 1.49 9.26 12.87
N CYS C 22 2.16 8.19 13.33
CA CYS C 22 1.76 6.81 13.11
C CYS C 22 1.73 6.11 14.47
N GLN C 23 0.55 5.66 14.91
CA GLN C 23 0.42 5.00 16.21
C GLN C 23 0.32 3.49 16.00
N ALA C 24 0.98 2.70 16.85
CA ALA C 24 0.92 1.25 16.75
C ALA C 24 0.13 0.66 17.92
N SER C 25 -0.72 -0.34 17.65
CA SER C 25 -1.56 -0.99 18.66
C SER C 25 -0.77 -1.66 19.77
N GLN C 26 0.46 -2.09 19.47
CA GLN C 26 1.33 -2.72 20.45
C GLN C 26 2.71 -2.05 20.44
N SER C 27 3.51 -2.27 21.49
CA SER C 27 4.85 -1.69 21.55
C SER C 27 5.78 -2.48 20.65
N ILE C 28 5.75 -2.16 19.37
CA ILE C 28 6.55 -2.83 18.36
C ILE C 28 7.98 -2.25 18.29
N GLY C 29 8.86 -2.95 17.59
CA GLY C 29 10.25 -2.55 17.39
C GLY C 29 10.40 -1.34 16.49
N SER C 30 11.65 -0.95 16.23
CA SER C 30 11.95 0.21 15.42
C SER C 30 11.59 0.06 13.94
N VAL C 31 11.33 -1.15 13.46
CA VAL C 31 10.98 -1.35 12.05
C VAL C 31 9.65 -0.65 11.66
N LEU C 32 9.69 0.11 10.56
CA LEU C 32 8.57 0.85 10.01
C LEU C 32 8.90 1.34 8.59
N ALA C 33 7.87 1.63 7.79
CA ALA C 33 8.07 2.13 6.43
C ALA C 33 7.10 3.28 6.13
N TRP C 34 7.52 4.21 5.28
CA TRP C 34 6.67 5.34 4.91
C TRP C 34 6.52 5.38 3.41
N TYR C 35 5.28 5.34 2.92
CA TYR C 35 5.04 5.32 1.47
C TYR C 35 4.38 6.56 0.94
N GLN C 36 4.94 7.13 -0.12
CA GLN C 36 4.35 8.27 -0.79
C GLN C 36 3.51 7.73 -1.94
N GLN C 37 2.25 8.17 -2.06
CA GLN C 37 1.42 7.70 -3.15
C GLN C 37 0.58 8.80 -3.79
N LYS C 38 1.00 9.24 -4.97
CA LYS C 38 0.27 10.26 -5.71
C LYS C 38 -0.93 9.59 -6.41
N PRO C 39 -2.07 10.29 -6.53
CA PRO C 39 -3.27 9.68 -7.14
C PRO C 39 -3.08 9.00 -8.50
N GLY C 40 -3.69 7.84 -8.64
CA GLY C 40 -3.64 7.05 -9.87
C GLY C 40 -2.31 6.35 -10.11
N LYS C 41 -1.40 6.39 -9.13
CA LYS C 41 -0.08 5.78 -9.24
C LYS C 41 0.18 4.75 -8.13
N ALA C 42 1.22 3.92 -8.30
CA ALA C 42 1.62 2.90 -7.33
C ALA C 42 2.47 3.51 -6.19
N PRO C 43 2.50 2.90 -4.99
CA PRO C 43 3.25 3.49 -3.87
C PRO C 43 4.77 3.54 -4.06
N LYS C 44 5.42 4.42 -3.31
CA LYS C 44 6.85 4.64 -3.40
C LYS C 44 7.46 4.61 -2.00
N LEU C 45 8.50 3.80 -1.78
CA LEU C 45 9.13 3.69 -0.47
C LEU C 45 10.00 4.91 -0.20
N LEU C 46 9.79 5.53 0.95
CA LEU C 46 10.58 6.70 1.34
C LEU C 46 11.50 6.35 2.50
N ILE C 47 10.97 5.63 3.49
CA ILE C 47 11.73 5.32 4.69
C ILE C 47 11.69 3.84 5.04
N SER C 48 12.86 3.28 5.43
CA SER C 48 13.01 1.90 5.88
C SER C 48 13.59 1.94 7.32
N GLY C 49 13.16 1.04 8.19
CA GLY C 49 13.56 1.07 9.59
C GLY C 49 12.80 2.21 10.23
N VAL C 50 13.49 3.24 10.71
CA VAL C 50 12.82 4.44 11.23
C VAL C 50 13.43 5.66 10.59
N PHE C 51 14.76 5.72 10.58
CA PHE C 51 15.50 6.88 10.11
C PHE C 51 16.10 6.70 8.73
N ASP C 52 16.33 5.45 8.28
CA ASP C 52 16.95 5.19 6.99
C ASP C 52 16.06 5.58 5.81
N LEU C 53 16.65 6.26 4.82
CA LEU C 53 15.94 6.72 3.63
C LEU C 53 16.24 5.84 2.42
N ALA C 54 15.34 5.84 1.44
CA ALA C 54 15.52 5.07 0.22
C ALA C 54 16.23 5.91 -0.86
N SER C 55 16.91 5.23 -1.81
CA SER C 55 17.64 5.92 -2.87
C SER C 55 16.73 6.79 -3.74
N GLY C 56 17.15 8.02 -3.97
CA GLY C 56 16.39 8.97 -4.77
C GLY C 56 15.58 9.91 -3.90
N VAL C 57 15.03 9.38 -2.81
CA VAL C 57 14.23 10.16 -1.87
C VAL C 57 15.09 11.25 -1.23
N PRO C 58 14.64 12.51 -1.30
CA PRO C 58 15.44 13.61 -0.75
C PRO C 58 15.61 13.58 0.77
N SER C 59 16.58 14.37 1.27
CA SER C 59 16.91 14.44 2.70
C SER C 59 15.89 15.22 3.55
N ARG C 60 14.97 15.96 2.91
CA ARG C 60 13.94 16.71 3.63
C ARG C 60 12.98 15.78 4.39
N PHE C 61 12.84 14.52 3.95
CA PHE C 61 11.99 13.54 4.61
C PHE C 61 12.74 12.98 5.81
N SER C 62 12.35 13.40 7.00
CA SER C 62 13.01 12.94 8.22
C SER C 62 12.13 11.94 8.97
N GLY C 63 12.74 10.91 9.52
CA GLY C 63 12.04 9.89 10.27
C GLY C 63 12.37 9.93 11.75
N SER C 64 11.46 9.47 12.60
CA SER C 64 11.66 9.46 14.05
C SER C 64 10.60 8.60 14.76
N GLY C 65 10.86 8.23 16.00
CA GLY C 65 9.93 7.45 16.78
C GLY C 65 10.42 6.07 17.14
N SER C 66 9.85 5.48 18.20
CA SER C 66 10.20 4.14 18.68
C SER C 66 9.08 3.63 19.59
N GLY C 67 8.70 2.38 19.41
CA GLY C 67 7.64 1.79 20.22
C GLY C 67 6.29 1.83 19.54
N THR C 68 5.44 2.79 19.92
CA THR C 68 4.12 2.94 19.32
C THR C 68 4.03 4.29 18.59
N ASP C 69 4.57 5.33 19.20
CA ASP C 69 4.53 6.67 18.61
C ASP C 69 5.64 6.84 17.60
N PHE C 70 5.27 7.18 16.36
CA PHE C 70 6.21 7.40 15.27
C PHE C 70 5.87 8.68 14.52
N THR C 71 6.88 9.38 13.99
CA THR C 71 6.65 10.64 13.28
C THR C 71 7.34 10.71 11.91
N LEU C 72 6.90 11.65 11.05
CA LEU C 72 7.45 11.90 9.72
C LEU C 72 7.52 13.40 9.45
N THR C 73 8.57 14.05 9.95
CA THR C 73 8.75 15.49 9.76
C THR C 73 9.35 15.79 8.39
N ILE C 74 8.91 16.88 7.76
CA ILE C 74 9.45 17.30 6.46
C ILE C 74 10.10 18.68 6.60
N SER C 75 11.40 18.78 6.28
CA SER C 75 12.19 20.01 6.37
C SER C 75 11.52 21.20 5.68
N SER C 76 11.10 21.02 4.43
CA SER C 76 10.42 22.06 3.67
C SER C 76 9.48 21.40 2.70
N LEU C 77 8.18 21.71 2.78
CA LEU C 77 7.20 21.11 1.88
C LEU C 77 7.45 21.58 0.46
N GLN C 78 7.41 20.66 -0.49
CA GLN C 78 7.68 20.97 -1.89
C GLN C 78 6.46 20.67 -2.75
N PRO C 79 6.33 21.29 -3.95
CA PRO C 79 5.15 20.99 -4.81
C PRO C 79 5.05 19.53 -5.24
N GLU C 80 6.16 18.80 -5.26
CA GLU C 80 6.16 17.38 -5.62
C GLU C 80 6.01 16.46 -4.39
N ASP C 81 5.71 17.02 -3.20
CA ASP C 81 5.54 16.23 -1.97
C ASP C 81 4.07 15.92 -1.66
N PHE C 82 3.13 16.68 -2.24
CA PHE C 82 1.69 16.49 -1.99
C PHE C 82 1.17 15.16 -2.51
N ALA C 83 0.88 14.23 -1.59
CA ALA C 83 0.39 12.87 -1.85
C ALA C 83 -0.08 12.25 -0.53
N THR C 84 -0.89 11.16 -0.58
CA THR C 84 -1.30 10.48 0.65
C THR C 84 -0.17 9.58 1.14
N TYR C 85 0.13 9.60 2.45
CA TYR C 85 1.22 8.82 3.02
C TYR C 85 0.73 7.63 3.85
N TYR C 86 1.48 6.53 3.85
CA TYR C 86 1.09 5.33 4.59
C TYR C 86 2.22 4.74 5.41
N CYS C 87 2.02 4.63 6.72
CA CYS C 87 3.02 4.00 7.57
C CYS C 87 2.76 2.50 7.59
N GLN C 88 3.80 1.68 7.56
CA GLN C 88 3.63 0.23 7.56
C GLN C 88 4.70 -0.48 8.35
N TYR C 89 4.30 -1.18 9.41
CA TYR C 89 5.22 -1.99 10.20
C TYR C 89 5.44 -3.24 9.34
N ILE C 90 6.70 -3.53 8.93
CA ILE C 90 6.93 -4.64 8.03
C ILE C 90 8.10 -5.55 8.49
N PRO C 91 7.79 -6.55 9.32
CA PRO C 91 8.80 -7.54 9.69
C PRO C 91 8.87 -8.64 8.60
N TYR C 92 9.68 -9.70 8.82
CA TYR C 92 9.75 -10.81 7.88
C TYR C 92 8.51 -11.69 8.13
N GLY C 93 7.39 -11.31 7.53
CA GLY C 93 6.13 -12.01 7.69
C GLY C 93 4.96 -11.05 7.84
N SER C 94 4.18 -11.22 8.93
CA SER C 94 2.98 -10.42 9.20
C SER C 94 3.22 -8.91 9.29
N SER C 95 2.90 -8.18 8.21
CA SER C 95 3.09 -6.74 8.18
C SER C 95 1.84 -5.93 7.82
N PRO C 96 1.06 -5.47 8.82
CA PRO C 96 -0.14 -4.67 8.51
C PRO C 96 0.17 -3.25 8.02
N PHE C 97 -0.80 -2.62 7.34
CA PHE C 97 -0.67 -1.27 6.79
C PHE C 97 -1.40 -0.20 7.61
N GLY C 98 -1.07 1.07 7.36
CA GLY C 98 -1.67 2.19 8.07
C GLY C 98 -2.90 2.77 7.40
N GLY C 99 -3.44 3.81 8.01
CA GLY C 99 -4.63 4.48 7.52
C GLY C 99 -4.44 5.28 6.25
N GLY C 100 -3.66 6.34 6.34
CA GLY C 100 -3.40 7.18 5.18
C GLY C 100 -3.58 8.67 5.42
N THR C 101 -2.46 9.38 5.65
CA THR C 101 -2.52 10.83 5.87
C THR C 101 -2.41 11.55 4.53
N LYS C 102 -3.53 12.07 4.04
CA LYS C 102 -3.56 12.76 2.75
C LYS C 102 -3.06 14.19 2.85
N VAL C 103 -1.85 14.45 2.33
CA VAL C 103 -1.29 15.79 2.35
C VAL C 103 -1.91 16.65 1.25
N GLU C 104 -2.56 17.74 1.66
CA GLU C 104 -3.23 18.64 0.74
C GLU C 104 -2.62 20.05 0.76
N ILE C 105 -2.48 20.68 -0.43
CA ILE C 105 -1.95 22.04 -0.55
C ILE C 105 -2.92 23.06 0.06
N LYS C 106 -2.37 24.12 0.65
CA LYS C 106 -3.17 25.15 1.27
C LYS C 106 -3.17 26.40 0.41
N ARG C 107 -4.36 26.88 0.07
CA ARG C 107 -4.51 28.06 -0.77
C ARG C 107 -5.63 28.97 -0.22
N THR C 108 -5.69 30.24 -0.65
CA THR C 108 -6.73 31.16 -0.20
C THR C 108 -8.11 30.64 -0.64
N VAL C 109 -9.13 30.81 0.22
CA VAL C 109 -10.49 30.35 -0.03
C VAL C 109 -11.09 30.95 -1.30
N ALA C 110 -11.72 30.10 -2.13
CA ALA C 110 -12.34 30.58 -3.36
C ALA C 110 -13.78 30.11 -3.39
N ALA C 111 -14.71 31.02 -3.71
CA ALA C 111 -16.13 30.74 -3.75
C ALA C 111 -16.50 29.80 -4.90
N PRO C 112 -17.43 28.86 -4.69
CA PRO C 112 -17.79 27.94 -5.79
C PRO C 112 -18.69 28.57 -6.85
N SER C 113 -18.71 27.96 -8.03
CA SER C 113 -19.57 28.40 -9.12
C SER C 113 -20.67 27.35 -9.24
N VAL C 114 -21.90 27.73 -8.88
CA VAL C 114 -23.03 26.81 -8.83
C VAL C 114 -23.85 26.78 -10.12
N PHE C 115 -24.09 25.58 -10.67
CA PHE C 115 -24.86 25.40 -11.89
C PHE C 115 -25.81 24.22 -11.77
N ILE C 116 -27.13 24.48 -11.85
CA ILE C 116 -28.11 23.39 -11.78
C ILE C 116 -28.56 23.01 -13.19
N PHE C 117 -28.59 21.70 -13.47
CA PHE C 117 -28.94 21.19 -14.79
C PHE C 117 -30.18 20.34 -14.74
N PRO C 118 -31.23 20.72 -15.48
CA PRO C 118 -32.45 19.90 -15.51
C PRO C 118 -32.24 18.59 -16.29
N PRO C 119 -33.07 17.56 -16.04
CA PRO C 119 -32.90 16.30 -16.78
C PRO C 119 -33.20 16.42 -18.27
N SER C 120 -32.34 15.81 -19.08
CA SER C 120 -32.45 15.85 -20.52
C SER C 120 -33.69 15.11 -21.02
N ASP C 121 -34.26 15.58 -22.12
CA ASP C 121 -35.46 15.00 -22.72
C ASP C 121 -35.28 13.55 -23.17
N GLU C 122 -34.06 13.14 -23.56
CA GLU C 122 -33.82 11.75 -23.96
C GLU C 122 -33.89 10.80 -22.76
N GLN C 123 -33.41 11.26 -21.60
CA GLN C 123 -33.45 10.48 -20.37
C GLN C 123 -34.89 10.34 -19.87
N LEU C 124 -35.71 11.37 -20.06
CA LEU C 124 -37.11 11.37 -19.68
C LEU C 124 -37.98 10.40 -20.51
N LYS C 125 -37.44 9.85 -21.61
CA LYS C 125 -38.17 8.90 -22.44
C LYS C 125 -38.13 7.52 -21.80
N SER C 126 -36.97 7.12 -21.26
CA SER C 126 -36.79 5.83 -20.61
C SER C 126 -37.54 5.71 -19.28
N GLY C 127 -37.74 6.83 -18.60
CA GLY C 127 -38.43 6.86 -17.32
C GLY C 127 -37.60 7.37 -16.16
N THR C 128 -36.43 7.97 -16.45
CA THR C 128 -35.55 8.49 -15.41
C THR C 128 -35.32 10.00 -15.57
N ALA C 129 -34.90 10.66 -14.49
CA ALA C 129 -34.67 12.10 -14.49
C ALA C 129 -33.64 12.43 -13.42
N SER C 130 -32.37 12.48 -13.80
CA SER C 130 -31.30 12.78 -12.86
C SER C 130 -30.95 14.25 -12.93
N VAL C 131 -31.30 15.01 -11.88
CA VAL C 131 -30.98 16.43 -11.85
C VAL C 131 -29.55 16.58 -11.36
N VAL C 132 -28.69 17.23 -12.14
CA VAL C 132 -27.28 17.39 -11.77
C VAL C 132 -27.02 18.79 -11.21
N CYS C 133 -26.05 18.92 -10.30
CA CYS C 133 -25.66 20.19 -9.72
C CYS C 133 -24.13 20.27 -9.74
N LEU C 134 -23.59 21.37 -10.23
CA LEU C 134 -22.15 21.54 -10.38
C LEU C 134 -21.61 22.64 -9.48
N LEU C 135 -20.53 22.37 -8.75
CA LEU C 135 -19.86 23.36 -7.90
C LEU C 135 -18.41 23.32 -8.36
N ASN C 136 -17.82 24.46 -8.78
CA ASN C 136 -16.45 24.45 -9.27
C ASN C 136 -15.59 25.51 -8.62
N ASN C 137 -14.29 25.20 -8.52
CA ASN C 137 -13.23 26.06 -7.98
C ASN C 137 -13.50 26.53 -6.56
N PHE C 138 -13.91 25.60 -5.70
CA PHE C 138 -14.18 25.91 -4.32
C PHE C 138 -13.14 25.27 -3.43
N TYR C 139 -12.62 26.04 -2.49
CA TYR C 139 -11.64 25.53 -1.55
C TYR C 139 -11.97 26.03 -0.14
N PRO C 140 -11.97 25.18 0.88
CA PRO C 140 -11.65 23.74 0.88
C PRO C 140 -12.77 22.83 0.34
N ARG C 141 -12.47 21.53 0.25
CA ARG C 141 -13.36 20.46 -0.21
C ARG C 141 -14.72 20.49 0.50
N GLU C 142 -14.72 20.82 1.78
CA GLU C 142 -15.94 20.86 2.59
C GLU C 142 -17.02 21.82 2.08
N ALA C 143 -18.18 21.27 1.69
CA ALA C 143 -19.33 22.03 1.20
C ALA C 143 -20.59 21.18 1.32
N LYS C 144 -21.60 21.70 2.03
CA LYS C 144 -22.85 20.98 2.19
C LYS C 144 -23.76 21.21 1.00
N VAL C 145 -24.24 20.13 0.39
CA VAL C 145 -25.15 20.23 -0.75
C VAL C 145 -26.52 19.76 -0.33
N GLN C 146 -27.55 20.54 -0.62
CA GLN C 146 -28.91 20.18 -0.25
C GLN C 146 -29.84 20.19 -1.47
N TRP C 147 -30.67 19.15 -1.59
CA TRP C 147 -31.59 19.02 -2.71
C TRP C 147 -33.03 19.31 -2.29
N LYS C 148 -33.39 20.59 -2.24
CA LYS C 148 -34.73 20.98 -1.84
C LYS C 148 -35.75 20.89 -2.98
N VAL C 149 -36.23 19.69 -3.26
CA VAL C 149 -37.23 19.43 -4.28
C VAL C 149 -38.63 19.79 -3.75
N ASP C 150 -39.37 20.65 -4.48
CA ASP C 150 -40.70 21.15 -4.15
C ASP C 150 -40.77 21.76 -2.74
N ASN C 151 -39.79 22.62 -2.41
CA ASN C 151 -39.66 23.32 -1.12
C ASN C 151 -39.25 22.42 0.06
N ALA C 152 -39.09 21.11 -0.17
CA ALA C 152 -38.72 20.18 0.89
C ALA C 152 -37.41 19.46 0.59
N LEU C 153 -36.60 19.19 1.61
CA LEU C 153 -35.30 18.53 1.46
C LEU C 153 -35.39 17.04 1.11
N GLN C 154 -34.54 16.60 0.17
CA GLN C 154 -34.48 15.20 -0.26
C GLN C 154 -33.13 14.61 0.11
N SER C 155 -33.13 13.44 0.76
CA SER C 155 -31.88 12.77 1.15
C SER C 155 -31.58 11.50 0.37
N GLY C 156 -32.61 10.84 -0.15
CA GLY C 156 -32.46 9.62 -0.91
C GLY C 156 -32.10 9.87 -2.36
N ASN C 157 -31.13 9.07 -2.86
CA ASN C 157 -30.62 9.11 -4.24
C ASN C 157 -29.86 10.39 -4.59
N SER C 158 -28.89 10.79 -3.75
CA SER C 158 -28.08 11.98 -4.02
C SER C 158 -26.59 11.64 -4.01
N GLN C 159 -26.10 11.05 -5.10
CA GLN C 159 -24.68 10.69 -5.23
C GLN C 159 -23.84 11.96 -5.34
N GLU C 160 -22.63 11.95 -4.78
CA GLU C 160 -21.74 13.11 -4.83
C GLU C 160 -20.33 12.70 -5.21
N SER C 161 -19.67 13.52 -6.02
CA SER C 161 -18.32 13.21 -6.47
C SER C 161 -17.38 14.41 -6.47
N VAL C 162 -16.26 14.30 -5.77
CA VAL C 162 -15.29 15.39 -5.70
C VAL C 162 -14.02 15.05 -6.46
N THR C 163 -13.64 15.90 -7.43
CA THR C 163 -12.41 15.67 -8.19
C THR C 163 -11.19 15.90 -7.31
N GLU C 164 -10.09 15.22 -7.64
CA GLU C 164 -8.85 15.39 -6.90
C GLU C 164 -8.31 16.79 -7.13
N GLN C 165 -7.79 17.42 -6.05
CA GLN C 165 -7.24 18.79 -6.04
C GLN C 165 -6.45 19.14 -7.30
N ASP C 166 -6.88 20.19 -7.99
CA ASP C 166 -6.31 20.61 -9.27
C ASP C 166 -4.80 20.88 -9.26
N SER C 167 -4.19 20.77 -10.44
CA SER C 167 -2.75 20.96 -10.64
C SER C 167 -2.36 22.41 -10.92
N LYS C 168 -3.29 23.21 -11.46
CA LYS C 168 -2.96 24.60 -11.78
C LYS C 168 -3.43 25.59 -10.72
N ASP C 169 -4.69 25.51 -10.30
CA ASP C 169 -5.22 26.42 -9.30
C ASP C 169 -5.51 25.79 -7.94
N SER C 170 -5.33 24.47 -7.80
CA SER C 170 -5.56 23.74 -6.54
C SER C 170 -6.98 23.92 -5.98
N THR C 171 -7.98 23.82 -6.85
CA THR C 171 -9.38 23.97 -6.49
C THR C 171 -10.13 22.65 -6.62
N TYR C 172 -11.17 22.48 -5.82
CA TYR C 172 -12.00 21.29 -5.87
C TYR C 172 -13.27 21.50 -6.70
N SER C 173 -13.89 20.41 -7.13
CA SER C 173 -15.13 20.44 -7.89
C SER C 173 -16.06 19.33 -7.42
N LEU C 174 -17.36 19.62 -7.33
CA LEU C 174 -18.34 18.66 -6.84
C LEU C 174 -19.49 18.53 -7.83
N SER C 175 -19.99 17.30 -8.01
CA SER C 175 -21.10 17.03 -8.91
C SER C 175 -22.17 16.20 -8.19
N SER C 176 -23.07 16.85 -7.47
CA SER C 176 -24.14 16.15 -6.78
C SER C 176 -25.25 15.82 -7.78
N THR C 177 -25.79 14.60 -7.72
CA THR C 177 -26.83 14.20 -8.67
C THR C 177 -28.05 13.56 -8.00
N LEU C 178 -29.21 14.22 -8.11
CA LEU C 178 -30.46 13.70 -7.58
C LEU C 178 -31.19 12.94 -8.67
N THR C 179 -30.97 11.62 -8.73
CA THR C 179 -31.61 10.78 -9.73
C THR C 179 -32.99 10.40 -9.25
N LEU C 180 -34.03 10.79 -10.00
CA LEU C 180 -35.41 10.51 -9.60
C LEU C 180 -36.22 9.90 -10.74
N SER C 181 -37.25 9.12 -10.40
CA SER C 181 -38.11 8.49 -11.40
C SER C 181 -38.98 9.52 -12.13
N LYS C 182 -39.45 9.17 -13.34
CA LYS C 182 -40.31 10.06 -14.11
C LYS C 182 -41.68 10.26 -13.45
N ALA C 183 -42.19 9.24 -12.74
CA ALA C 183 -43.48 9.30 -12.06
C ALA C 183 -43.47 10.30 -10.90
N ASP C 184 -42.41 10.29 -10.07
CA ASP C 184 -42.30 11.23 -8.96
C ASP C 184 -41.95 12.65 -9.43
N TYR C 185 -41.25 12.77 -10.57
CA TYR C 185 -40.86 14.05 -11.15
C TYR C 185 -42.09 14.89 -11.51
N GLU C 186 -43.16 14.25 -11.99
CA GLU C 186 -44.38 14.96 -12.36
C GLU C 186 -45.09 15.54 -11.13
N LYS C 187 -45.01 14.84 -10.00
CA LYS C 187 -45.65 15.23 -8.75
C LYS C 187 -45.07 16.51 -8.12
N HIS C 188 -43.82 16.85 -8.46
CA HIS C 188 -43.16 18.02 -7.86
C HIS C 188 -42.88 19.12 -8.89
N LYS C 189 -42.67 20.37 -8.43
CA LYS C 189 -42.50 21.51 -9.34
C LYS C 189 -41.16 22.27 -9.27
N VAL C 190 -40.76 22.84 -8.11
CA VAL C 190 -39.52 23.63 -8.04
C VAL C 190 -38.35 22.87 -7.43
N TYR C 191 -37.37 22.52 -8.28
CA TYR C 191 -36.18 21.78 -7.87
C TYR C 191 -35.03 22.73 -7.55
N ALA C 192 -34.57 22.71 -6.30
CA ALA C 192 -33.51 23.61 -5.86
C ALA C 192 -32.23 22.89 -5.45
N CYS C 193 -31.09 23.56 -5.60
CA CYS C 193 -29.81 23.02 -5.19
C CYS C 193 -29.09 24.08 -4.37
N GLU C 194 -29.29 24.09 -3.05
CA GLU C 194 -28.63 25.07 -2.20
C GLU C 194 -27.35 24.52 -1.60
N VAL C 195 -26.27 25.32 -1.66
CA VAL C 195 -24.97 24.88 -1.15
C VAL C 195 -24.36 25.86 -0.16
N THR C 196 -23.73 25.33 0.89
CA THR C 196 -23.08 26.17 1.90
C THR C 196 -21.57 26.01 1.76
N HIS C 197 -20.81 27.12 1.84
CA HIS C 197 -19.36 27.06 1.71
C HIS C 197 -18.64 28.17 2.49
N GLN C 198 -17.35 27.95 2.80
CA GLN C 198 -16.47 28.86 3.53
C GLN C 198 -16.35 30.21 2.81
N GLY C 199 -16.31 30.18 1.48
CA GLY C 199 -16.19 31.38 0.68
C GLY C 199 -17.51 32.01 0.29
N LEU C 200 -18.59 31.69 1.02
CA LEU C 200 -19.90 32.25 0.74
C LEU C 200 -20.46 33.00 1.94
N SER C 201 -20.91 34.23 1.73
CA SER C 201 -21.52 35.05 2.79
C SER C 201 -22.86 34.47 3.26
N SER C 202 -23.55 33.73 2.38
CA SER C 202 -24.84 33.10 2.64
C SER C 202 -25.01 31.91 1.70
N PRO C 203 -25.68 30.83 2.14
CA PRO C 203 -25.87 29.67 1.26
C PRO C 203 -26.53 30.01 -0.08
N VAL C 204 -25.82 29.76 -1.19
CA VAL C 204 -26.30 30.04 -2.53
C VAL C 204 -27.34 29.04 -3.01
N THR C 205 -28.55 29.52 -3.31
CA THR C 205 -29.61 28.66 -3.80
C THR C 205 -29.77 28.80 -5.31
N LYS C 206 -29.58 27.70 -6.04
CA LYS C 206 -29.74 27.70 -7.50
C LYS C 206 -30.87 26.75 -7.85
N SER C 207 -32.03 27.30 -8.21
CA SER C 207 -33.20 26.49 -8.50
C SER C 207 -33.78 26.73 -9.90
N PHE C 208 -34.63 25.80 -10.38
CA PHE C 208 -35.28 25.94 -11.68
C PHE C 208 -36.75 25.51 -11.59
N ASN C 209 -37.61 26.15 -12.36
CA ASN C 209 -39.03 25.80 -12.39
C ASN C 209 -39.33 24.94 -13.64
N ARG C 210 -40.46 24.21 -13.62
CA ARG C 210 -40.84 23.37 -14.76
C ARG C 210 -41.20 24.23 -15.96
N GLY C 211 -40.36 24.17 -16.99
CA GLY C 211 -40.54 24.94 -18.21
C GLY C 211 -39.29 25.74 -18.54
N GLU C 212 -39.07 26.00 -19.84
CA GLU C 212 -37.91 26.74 -20.31
C GLU C 212 -37.90 28.19 -19.81
#